data_1ZTQ
#
_entry.id   1ZTQ
#
_cell.length_a   35.937
_cell.length_b   135.252
_cell.length_c   69.385
_cell.angle_alpha   90.00
_cell.angle_beta   104.95
_cell.angle_gamma   90.00
#
_symmetry.space_group_name_H-M   'P 1 21 1'
#
loop_
_entity.id
_entity.type
_entity.pdbx_description
1 polymer 'Collagenase 3'
2 non-polymer 'ZINC ION'
3 non-polymer 'CALCIUM ION'
4 non-polymer "N-({4'-[(1-BENZOFURAN-2-YLCARBONYL)AMINO]-1,1'-BIPHENYL-4-YL}SULFONYL)-L-VALINE"
5 water water
#
_entity_poly.entity_id   1
_entity_poly.type   'polypeptide(L)'
_entity_poly.pdbx_seq_one_letter_code
;YNVFPRTLKWSKMNLTYRIVNYTPDMTHSEVEKAFKKAFKVWSDVTPLNFTRLHDGIADIMISFGIKEHGDFYPFDGPSG
LLAHAFPPGPNYGGDAHFDDDETWTSSSKGYNLFLVAAHEFGHSLGLDHSKDPGALMFPIYTYTGKSHFMLPDDDVQGIQ
SLYGP
;
_entity_poly.pdbx_strand_id   A,B,C,D
#
# COMPACT_ATOMS: atom_id res chain seq x y z
N TYR A 1 14.90 -31.50 -7.01
CA TYR A 1 13.58 -30.88 -6.72
C TYR A 1 12.45 -31.80 -7.20
N ASN A 2 11.21 -31.43 -6.90
CA ASN A 2 10.08 -32.24 -7.29
C ASN A 2 8.83 -31.43 -7.64
N VAL A 3 8.26 -31.69 -8.80
CA VAL A 3 7.03 -31.02 -9.23
C VAL A 3 6.02 -32.12 -9.55
N PHE A 4 4.83 -32.01 -8.98
CA PHE A 4 3.76 -33.00 -9.19
C PHE A 4 3.66 -33.48 -10.64
N LEU A 8 1.71 -27.52 -13.36
CA LEU A 8 0.67 -26.50 -13.27
C LEU A 8 1.23 -25.32 -12.49
N LYS A 9 1.63 -24.29 -13.22
CA LYS A 9 2.18 -23.10 -12.63
C LYS A 9 1.27 -21.93 -12.98
N TRP A 10 1.52 -20.78 -12.38
CA TRP A 10 0.72 -19.61 -12.66
C TRP A 10 1.02 -19.12 -14.07
N SER A 11 -0.04 -18.85 -14.83
CA SER A 11 0.08 -18.39 -16.20
C SER A 11 0.57 -16.96 -16.26
N LYS A 12 0.59 -16.28 -15.12
CA LYS A 12 1.06 -14.90 -15.08
C LYS A 12 2.27 -14.77 -14.15
N MET A 13 3.08 -13.75 -14.37
CA MET A 13 4.26 -13.55 -13.54
C MET A 13 3.95 -12.62 -12.38
N ASN A 14 3.06 -11.67 -12.59
CA ASN A 14 2.70 -10.74 -11.53
C ASN A 14 1.56 -11.30 -10.71
N LEU A 15 1.90 -11.77 -9.51
CA LEU A 15 0.94 -12.36 -8.60
C LEU A 15 0.67 -11.40 -7.44
N THR A 16 -0.49 -11.55 -6.81
CA THR A 16 -0.86 -10.68 -5.70
C THR A 16 -1.03 -11.49 -4.44
N TYR A 17 -0.93 -10.84 -3.28
CA TYR A 17 -1.11 -11.57 -2.06
C TYR A 17 -1.75 -10.69 -1.03
N ARG A 18 -2.48 -11.30 -0.11
CA ARG A 18 -3.14 -10.53 0.91
C ARG A 18 -2.98 -11.22 2.23
N ILE A 19 -2.75 -10.42 3.28
CA ILE A 19 -2.59 -10.90 4.64
C ILE A 19 -3.93 -10.62 5.31
N VAL A 20 -4.79 -11.64 5.30
CA VAL A 20 -6.13 -11.53 5.87
C VAL A 20 -6.17 -11.29 7.37
N ASN A 21 -5.34 -12.02 8.10
CA ASN A 21 -5.28 -11.86 9.55
C ASN A 21 -3.86 -12.01 10.07
N TYR A 22 -3.69 -11.68 11.34
CA TYR A 22 -2.38 -11.73 11.96
C TYR A 22 -2.36 -12.56 13.23
N THR A 23 -1.24 -13.22 13.45
CA THR A 23 -1.02 -14.04 14.64
C THR A 23 -0.68 -13.13 15.82
N PRO A 24 -0.98 -13.59 17.03
CA PRO A 24 -0.67 -12.74 18.19
C PRO A 24 0.81 -12.78 18.59
N ASP A 25 1.57 -13.66 17.96
CA ASP A 25 2.99 -13.84 18.29
C ASP A 25 3.93 -12.77 17.77
N MET A 26 3.53 -12.00 16.77
CA MET A 26 4.41 -11.00 16.19
C MET A 26 3.62 -9.74 15.84
N THR A 27 4.32 -8.64 15.59
CA THR A 27 3.65 -7.39 15.23
C THR A 27 3.22 -7.44 13.79
N HIS A 28 2.19 -6.66 13.44
CA HIS A 28 1.74 -6.65 12.05
C HIS A 28 2.96 -6.41 11.16
N SER A 29 3.88 -5.58 11.65
CA SER A 29 5.10 -5.23 10.92
C SER A 29 6.05 -6.41 10.74
N GLU A 30 6.26 -7.18 11.81
CA GLU A 30 7.11 -8.35 11.74
C GLU A 30 6.56 -9.37 10.74
N VAL A 31 5.24 -9.56 10.77
CA VAL A 31 4.58 -10.50 9.88
C VAL A 31 4.72 -10.05 8.42
N GLU A 32 4.44 -8.76 8.18
CA GLU A 32 4.56 -8.17 6.85
C GLU A 32 6.00 -8.28 6.31
N LYS A 33 6.97 -8.04 7.18
CA LYS A 33 8.38 -8.10 6.79
C LYS A 33 8.80 -9.53 6.46
N ALA A 34 8.31 -10.49 7.24
CA ALA A 34 8.65 -11.91 7.04
C ALA A 34 8.08 -12.51 5.74
N PHE A 35 6.84 -12.15 5.41
CA PHE A 35 6.20 -12.67 4.20
C PHE A 35 6.81 -12.01 2.96
N LYS A 36 7.10 -10.72 3.08
CA LYS A 36 7.70 -9.96 1.98
C LYS A 36 9.02 -10.59 1.62
N LYS A 37 9.83 -10.86 2.64
CA LYS A 37 11.14 -11.47 2.46
C LYS A 37 11.02 -12.86 1.86
N ALA A 38 10.00 -13.60 2.29
CA ALA A 38 9.75 -14.96 1.80
C ALA A 38 9.44 -14.90 0.31
N PHE A 39 8.65 -13.90 -0.08
CA PHE A 39 8.32 -13.72 -1.49
C PHE A 39 9.54 -13.33 -2.31
N LYS A 40 10.42 -12.53 -1.72
CA LYS A 40 11.64 -12.09 -2.41
C LYS A 40 12.58 -13.25 -2.74
N VAL A 41 12.53 -14.30 -1.93
CA VAL A 41 13.34 -15.49 -2.13
C VAL A 41 13.15 -16.02 -3.54
N TRP A 42 11.90 -16.09 -3.98
CA TRP A 42 11.56 -16.61 -5.31
C TRP A 42 11.56 -15.56 -6.39
N SER A 43 11.30 -14.31 -6.01
CA SER A 43 11.29 -13.20 -6.96
C SER A 43 12.70 -12.86 -7.43
N ASP A 44 13.70 -13.09 -6.56
CA ASP A 44 15.11 -12.81 -6.89
C ASP A 44 15.68 -13.79 -7.93
N VAL A 45 15.04 -14.93 -8.10
CA VAL A 45 15.55 -15.93 -9.05
C VAL A 45 14.66 -16.26 -10.25
N THR A 46 13.53 -15.59 -10.36
CA THR A 46 12.62 -15.79 -11.48
C THR A 46 12.03 -14.44 -11.84
N PRO A 47 11.13 -14.38 -12.84
CA PRO A 47 10.53 -13.10 -13.22
C PRO A 47 9.25 -12.80 -12.42
N LEU A 48 8.96 -13.64 -11.43
CA LEU A 48 7.77 -13.50 -10.59
C LEU A 48 7.78 -12.25 -9.73
N ASN A 49 6.70 -11.47 -9.81
CA ASN A 49 6.58 -10.27 -9.01
C ASN A 49 5.39 -10.43 -8.10
N PHE A 50 5.47 -9.87 -6.90
CA PHE A 50 4.38 -9.99 -5.93
C PHE A 50 3.96 -8.63 -5.40
N THR A 51 2.65 -8.41 -5.33
CA THR A 51 2.11 -7.15 -4.86
C THR A 51 1.10 -7.41 -3.74
N ARG A 52 1.34 -6.87 -2.56
CA ARG A 52 0.40 -7.09 -1.49
C ARG A 52 -0.85 -6.24 -1.70
N LEU A 53 -2.02 -6.84 -1.46
CA LEU A 53 -3.28 -6.12 -1.57
C LEU A 53 -3.82 -6.03 -0.15
N HIS A 54 -4.67 -5.05 0.13
CA HIS A 54 -5.18 -4.88 1.49
C HIS A 54 -6.60 -5.36 1.70
N ASP A 55 -7.39 -5.39 0.64
CA ASP A 55 -8.78 -5.86 0.69
C ASP A 55 -9.09 -6.58 -0.60
N GLY A 56 -10.15 -7.38 -0.60
CA GLY A 56 -10.52 -8.10 -1.80
C GLY A 56 -9.82 -9.44 -1.88
N ILE A 57 -10.02 -10.14 -2.99
CA ILE A 57 -9.40 -11.45 -3.14
C ILE A 57 -8.11 -11.31 -3.94
N ALA A 58 -7.07 -12.00 -3.48
CA ALA A 58 -5.75 -11.97 -4.13
C ALA A 58 -5.44 -13.39 -4.55
N ASP A 59 -4.38 -13.55 -5.32
CA ASP A 59 -4.01 -14.87 -5.79
C ASP A 59 -3.66 -15.77 -4.62
N ILE A 60 -2.76 -15.28 -3.77
CA ILE A 60 -2.32 -16.04 -2.61
C ILE A 60 -2.83 -15.36 -1.33
N MET A 61 -3.90 -15.89 -0.75
CA MET A 61 -4.48 -15.34 0.48
C MET A 61 -3.78 -15.99 1.69
N ILE A 62 -3.28 -15.15 2.59
CA ILE A 62 -2.57 -15.62 3.77
C ILE A 62 -3.38 -15.43 5.05
N SER A 63 -3.64 -16.52 5.75
CA SER A 63 -4.41 -16.46 6.98
C SER A 63 -3.83 -17.35 8.10
N PHE A 64 -4.11 -16.97 9.33
CA PHE A 64 -3.67 -17.69 10.52
C PHE A 64 -4.90 -18.34 11.14
N GLY A 65 -4.84 -19.65 11.36
CA GLY A 65 -5.97 -20.35 11.93
C GLY A 65 -5.65 -21.48 12.88
N ILE A 66 -6.67 -22.19 13.30
CA ILE A 66 -6.50 -23.31 14.22
C ILE A 66 -7.58 -24.34 13.92
N LYS A 67 -7.31 -25.61 14.24
CA LYS A 67 -8.29 -26.69 14.02
C LYS A 67 -8.96 -26.57 12.62
N GLU A 68 -10.28 -26.69 12.55
CA GLU A 68 -10.96 -26.55 11.27
C GLU A 68 -11.13 -25.05 11.02
N HIS A 69 -10.63 -24.59 9.88
CA HIS A 69 -10.68 -23.18 9.56
C HIS A 69 -11.25 -22.80 8.20
N GLY A 70 -12.02 -23.68 7.58
CA GLY A 70 -12.63 -23.32 6.30
C GLY A 70 -12.30 -24.17 5.08
N ASP A 71 -11.45 -25.18 5.21
CA ASP A 71 -11.12 -26.02 4.05
C ASP A 71 -11.05 -27.52 4.32
N PHE A 72 -11.52 -27.93 5.49
CA PHE A 72 -11.53 -29.33 5.89
C PHE A 72 -10.15 -29.99 5.99
N TYR A 73 -9.11 -29.16 6.05
CA TYR A 73 -7.72 -29.62 6.23
C TYR A 73 -7.38 -28.98 7.58
N PRO A 74 -8.08 -29.38 8.65
CA PRO A 74 -7.87 -28.85 9.99
C PRO A 74 -6.45 -28.99 10.50
N PHE A 75 -6.07 -28.10 11.40
CA PHE A 75 -4.74 -28.19 11.99
C PHE A 75 -4.95 -29.07 13.22
N ASP A 76 -3.90 -29.25 14.01
CA ASP A 76 -3.95 -30.17 15.14
C ASP A 76 -3.48 -29.64 16.49
N GLY A 77 -3.67 -28.36 16.76
CA GLY A 77 -3.20 -27.82 18.03
C GLY A 77 -1.69 -27.81 18.08
N PRO A 78 -1.07 -27.72 19.28
CA PRO A 78 0.39 -27.72 19.37
C PRO A 78 1.04 -28.92 18.67
N SER A 79 2.26 -28.73 18.16
CA SER A 79 3.01 -29.78 17.48
C SER A 79 2.28 -30.34 16.26
N GLY A 80 2.95 -31.26 15.56
CA GLY A 80 2.36 -31.85 14.36
C GLY A 80 2.49 -30.86 13.22
N LEU A 81 1.38 -30.67 12.51
CA LEU A 81 1.32 -29.74 11.38
C LEU A 81 1.45 -28.30 11.83
N LEU A 82 2.16 -27.48 11.07
CA LEU A 82 2.28 -26.08 11.43
C LEU A 82 1.70 -25.18 10.32
N ALA A 83 1.75 -25.68 9.08
CA ALA A 83 1.22 -24.91 7.96
C ALA A 83 1.17 -25.70 6.66
N HIS A 84 0.47 -25.15 5.68
CA HIS A 84 0.32 -25.80 4.37
C HIS A 84 -0.21 -24.78 3.37
N ALA A 85 -0.09 -25.11 2.09
CA ALA A 85 -0.57 -24.25 1.02
C ALA A 85 -1.05 -25.07 -0.18
N PHE A 86 -1.93 -24.46 -0.97
CA PHE A 86 -2.50 -25.10 -2.14
C PHE A 86 -1.69 -24.76 -3.39
N PRO A 87 -1.52 -25.72 -4.31
CA PRO A 87 -0.76 -25.46 -5.53
C PRO A 87 -1.40 -24.36 -6.36
N PRO A 88 -0.74 -23.95 -7.45
CA PRO A 88 -1.29 -22.90 -8.30
C PRO A 88 -2.69 -23.21 -8.82
N GLY A 89 -3.52 -22.18 -8.86
CA GLY A 89 -4.87 -22.36 -9.33
C GLY A 89 -5.75 -21.26 -8.77
N PRO A 90 -7.03 -21.21 -9.16
CA PRO A 90 -7.90 -20.15 -8.62
C PRO A 90 -8.42 -20.44 -7.22
N ASN A 91 -8.96 -19.42 -6.58
CA ASN A 91 -9.54 -19.54 -5.24
C ASN A 91 -8.56 -20.01 -4.18
N TYR A 92 -8.78 -21.21 -3.65
CA TYR A 92 -7.89 -21.75 -2.61
C TYR A 92 -6.47 -21.98 -3.12
N GLY A 93 -6.34 -22.15 -4.45
CA GLY A 93 -5.04 -22.40 -5.06
C GLY A 93 -4.01 -21.36 -4.71
N GLY A 94 -2.84 -21.82 -4.29
CA GLY A 94 -1.78 -20.91 -3.91
C GLY A 94 -1.93 -20.31 -2.51
N ASP A 95 -3.11 -20.48 -1.92
CA ASP A 95 -3.34 -19.93 -0.58
C ASP A 95 -2.44 -20.62 0.42
N ALA A 96 -2.10 -19.93 1.51
CA ALA A 96 -1.22 -20.46 2.52
C ALA A 96 -1.78 -20.21 3.92
N HIS A 97 -1.95 -21.28 4.68
CA HIS A 97 -2.50 -21.18 6.03
C HIS A 97 -1.46 -21.59 7.05
N PHE A 98 -1.47 -20.89 8.19
CA PHE A 98 -0.50 -21.15 9.25
C PHE A 98 -1.20 -21.43 10.55
N ASP A 99 -0.87 -22.58 11.12
CA ASP A 99 -1.45 -23.04 12.38
C ASP A 99 -1.06 -22.15 13.56
N ASP A 100 -2.02 -21.37 14.05
CA ASP A 100 -1.74 -20.47 15.18
C ASP A 100 -1.57 -21.15 16.52
N ASP A 101 -1.77 -22.46 16.57
CA ASP A 101 -1.55 -23.20 17.81
C ASP A 101 -0.05 -23.50 17.89
N GLU A 102 0.72 -22.82 17.03
CA GLU A 102 2.17 -22.94 17.00
C GLU A 102 2.68 -21.54 17.28
N THR A 103 3.86 -21.43 17.86
CA THR A 103 4.44 -20.13 18.17
C THR A 103 5.28 -19.68 16.98
N TRP A 104 4.92 -18.52 16.42
CA TRP A 104 5.64 -17.98 15.28
C TRP A 104 6.53 -16.84 15.75
N THR A 105 7.71 -16.75 15.16
CA THR A 105 8.67 -15.74 15.56
C THR A 105 9.53 -15.22 14.39
N SER A 106 10.23 -14.11 14.61
CA SER A 106 11.09 -13.56 13.60
C SER A 106 12.49 -14.09 13.90
N SER A 107 12.65 -14.73 15.06
CA SER A 107 13.93 -15.30 15.45
C SER A 107 13.92 -16.82 15.51
N SER A 108 14.33 -17.38 16.66
CA SER A 108 14.40 -18.84 16.81
C SER A 108 13.49 -19.47 17.86
N LYS A 109 12.93 -18.67 18.76
CA LYS A 109 12.07 -19.22 19.83
C LYS A 109 10.68 -19.58 19.32
N GLY A 110 10.61 -20.69 18.60
CA GLY A 110 9.36 -21.15 18.03
C GLY A 110 9.64 -21.39 16.56
N TYR A 111 8.63 -21.19 15.73
CA TYR A 111 8.77 -21.40 14.29
C TYR A 111 9.07 -20.09 13.54
N ASN A 112 10.29 -19.95 13.02
CA ASN A 112 10.64 -18.75 12.26
C ASN A 112 9.66 -18.64 11.10
N LEU A 113 8.82 -17.61 11.15
CA LEU A 113 7.81 -17.36 10.14
C LEU A 113 8.35 -17.22 8.71
N PHE A 114 9.45 -16.51 8.56
CA PHE A 114 10.07 -16.30 7.26
C PHE A 114 10.44 -17.60 6.56
N LEU A 115 11.02 -18.52 7.33
CA LEU A 115 11.45 -19.80 6.78
C LEU A 115 10.32 -20.72 6.39
N VAL A 116 9.24 -20.72 7.17
CA VAL A 116 8.08 -21.57 6.86
C VAL A 116 7.43 -20.98 5.60
N ALA A 117 7.01 -19.72 5.73
CA ALA A 117 6.38 -18.98 4.64
C ALA A 117 7.15 -19.14 3.34
N ALA A 118 8.48 -19.10 3.40
CA ALA A 118 9.27 -19.25 2.18
C ALA A 118 9.08 -20.65 1.64
N HIS A 119 9.07 -21.63 2.54
CA HIS A 119 8.88 -23.01 2.15
C HIS A 119 7.50 -23.20 1.56
N GLU A 120 6.50 -22.60 2.20
CA GLU A 120 5.10 -22.69 1.79
C GLU A 120 4.78 -21.99 0.48
N PHE A 121 5.45 -20.88 0.19
CA PHE A 121 5.19 -20.18 -1.07
C PHE A 121 5.87 -20.96 -2.16
N GLY A 122 6.61 -22.00 -1.77
CA GLY A 122 7.25 -22.85 -2.74
C GLY A 122 6.10 -23.65 -3.31
N HIS A 123 5.26 -24.18 -2.42
CA HIS A 123 4.09 -24.97 -2.83
C HIS A 123 3.12 -24.08 -3.58
N SER A 124 2.86 -22.89 -3.03
CA SER A 124 1.95 -21.93 -3.65
C SER A 124 2.28 -21.73 -5.13
N LEU A 125 3.57 -21.67 -5.44
CA LEU A 125 4.03 -21.44 -6.79
C LEU A 125 4.10 -22.70 -7.66
N GLY A 126 3.92 -23.87 -7.05
CA GLY A 126 3.94 -25.11 -7.81
C GLY A 126 4.99 -26.15 -7.49
N LEU A 127 5.77 -25.96 -6.43
CA LEU A 127 6.80 -26.91 -6.07
C LEU A 127 6.35 -27.94 -5.03
N ASP A 128 6.86 -29.15 -5.13
CA ASP A 128 6.54 -30.22 -4.19
C ASP A 128 7.77 -30.41 -3.32
N HIS A 129 7.83 -31.49 -2.55
CA HIS A 129 8.97 -31.72 -1.68
C HIS A 129 10.23 -32.19 -2.38
N SER A 130 11.37 -31.72 -1.88
CA SER A 130 12.66 -32.10 -2.43
C SER A 130 13.25 -33.32 -1.73
N LYS A 131 14.18 -33.98 -2.41
CA LYS A 131 14.82 -35.15 -1.85
C LYS A 131 16.20 -34.73 -1.34
N ASP A 132 16.61 -33.52 -1.71
CA ASP A 132 17.89 -32.95 -1.30
C ASP A 132 17.70 -32.38 0.11
N PRO A 133 18.35 -32.99 1.11
CA PRO A 133 18.26 -32.58 2.52
C PRO A 133 18.60 -31.12 2.84
N GLY A 134 19.32 -30.48 1.92
CA GLY A 134 19.70 -29.10 2.12
C GLY A 134 18.81 -28.13 1.37
N ALA A 135 17.73 -28.64 0.79
CA ALA A 135 16.80 -27.80 0.06
C ALA A 135 15.78 -27.15 0.97
N LEU A 136 15.29 -25.99 0.56
CA LEU A 136 14.30 -25.29 1.34
C LEU A 136 13.01 -26.09 1.29
N MET A 137 12.73 -26.68 0.13
CA MET A 137 11.51 -27.47 -0.07
C MET A 137 11.60 -28.87 0.52
N PHE A 138 12.68 -29.15 1.24
CA PHE A 138 12.81 -30.43 1.89
C PHE A 138 11.65 -30.45 2.89
N PRO A 139 11.07 -31.62 3.17
CA PRO A 139 9.95 -31.70 4.13
C PRO A 139 10.20 -31.41 5.61
N ILE A 140 11.45 -31.16 6.00
CA ILE A 140 11.73 -30.90 7.39
C ILE A 140 12.26 -29.49 7.63
N TYR A 141 11.72 -28.83 8.67
CA TYR A 141 12.12 -27.47 9.02
C TYR A 141 13.39 -27.39 9.87
N THR A 142 14.17 -26.34 9.67
CA THR A 142 15.42 -26.16 10.41
C THR A 142 15.82 -24.70 10.57
N TYR A 143 16.50 -24.40 11.67
CA TYR A 143 16.97 -23.05 11.92
C TYR A 143 18.48 -23.04 11.73
N THR A 144 19.01 -22.09 10.97
CA THR A 144 20.44 -22.04 10.72
C THR A 144 21.22 -21.22 11.72
N GLY A 145 20.51 -20.31 12.41
CA GLY A 145 21.19 -19.46 13.37
C GLY A 145 21.98 -18.37 12.68
N LYS A 146 21.78 -18.24 11.36
CA LYS A 146 22.47 -17.23 10.54
C LYS A 146 21.49 -16.17 10.04
N SER A 147 21.96 -14.93 9.90
CA SER A 147 21.11 -13.81 9.45
C SER A 147 20.68 -13.82 7.99
N HIS A 148 21.54 -14.34 7.13
CA HIS A 148 21.26 -14.38 5.70
C HIS A 148 20.67 -15.71 5.24
N PHE A 149 19.86 -15.64 4.20
CA PHE A 149 19.27 -16.85 3.62
C PHE A 149 19.42 -16.83 2.12
N MET A 150 20.17 -17.79 1.59
CA MET A 150 20.37 -17.93 0.16
C MET A 150 19.61 -19.19 -0.29
N LEU A 151 18.69 -19.03 -1.22
CA LEU A 151 17.90 -20.14 -1.73
C LEU A 151 18.81 -21.19 -2.36
N PRO A 152 18.87 -22.40 -1.78
CA PRO A 152 19.71 -23.51 -2.28
C PRO A 152 19.58 -23.71 -3.78
N ASP A 153 20.67 -24.08 -4.45
CA ASP A 153 20.67 -24.29 -5.90
C ASP A 153 19.56 -25.21 -6.36
N ASP A 154 19.19 -26.17 -5.53
CA ASP A 154 18.14 -27.08 -5.93
C ASP A 154 16.77 -26.44 -6.12
N ASP A 155 16.41 -25.51 -5.24
CA ASP A 155 15.11 -24.83 -5.35
C ASP A 155 15.17 -23.79 -6.44
N VAL A 156 16.35 -23.29 -6.72
CA VAL A 156 16.52 -22.32 -7.78
C VAL A 156 16.20 -23.10 -9.06
N GLN A 157 16.72 -24.33 -9.14
CA GLN A 157 16.52 -25.21 -10.29
C GLN A 157 15.04 -25.55 -10.42
N GLY A 158 14.44 -25.90 -9.29
CA GLY A 158 13.04 -26.26 -9.28
C GLY A 158 12.14 -25.13 -9.71
N ILE A 159 12.26 -24.01 -9.02
CA ILE A 159 11.45 -22.83 -9.30
C ILE A 159 11.64 -22.34 -10.72
N GLN A 160 12.87 -22.31 -11.17
CA GLN A 160 13.17 -21.84 -12.52
C GLN A 160 12.68 -22.81 -13.60
N SER A 161 12.55 -24.10 -13.27
CA SER A 161 12.07 -25.06 -14.25
C SER A 161 10.60 -24.77 -14.55
N LEU A 162 9.97 -23.94 -13.74
CA LEU A 162 8.57 -23.61 -13.94
C LEU A 162 8.35 -22.19 -14.46
N TYR A 163 9.24 -21.26 -14.11
CA TYR A 163 9.07 -19.87 -14.51
C TYR A 163 10.28 -19.27 -15.19
N GLY A 164 11.39 -20.02 -15.17
CA GLY A 164 12.59 -19.54 -15.80
C GLY A 164 13.28 -18.47 -14.97
N PRO A 165 14.45 -17.99 -15.43
CA PRO A 165 15.26 -16.96 -14.78
C PRO A 165 14.69 -15.56 -14.98
N TYR B 1 0.19 22.47 19.68
CA TYR B 1 0.03 22.70 18.21
C TYR B 1 0.04 24.20 17.91
N ASN B 2 0.17 24.54 16.64
CA ASN B 2 0.21 25.94 16.25
C ASN B 2 -0.46 26.18 14.88
N VAL B 3 -1.35 27.16 14.84
CA VAL B 3 -2.06 27.52 13.62
C VAL B 3 -1.53 28.83 13.07
N LYS B 9 -7.88 28.62 7.08
CA LYS B 9 -8.56 27.37 6.77
C LYS B 9 -9.49 27.47 5.56
N TRP B 10 -9.77 26.34 4.92
CA TRP B 10 -10.66 26.32 3.78
C TRP B 10 -12.07 26.59 4.30
N SER B 11 -12.86 27.35 3.55
CA SER B 11 -14.23 27.66 3.97
C SER B 11 -15.19 26.55 3.57
N LYS B 12 -14.70 25.60 2.78
CA LYS B 12 -15.50 24.47 2.34
C LYS B 12 -14.85 23.23 2.96
N MET B 13 -15.67 22.24 3.29
CA MET B 13 -15.16 21.01 3.88
C MET B 13 -14.78 19.97 2.84
N ASN B 14 -15.38 20.06 1.65
CA ASN B 14 -15.06 19.12 0.59
C ASN B 14 -13.99 19.71 -0.32
N LEU B 15 -12.82 19.08 -0.28
CA LEU B 15 -11.69 19.53 -1.07
C LEU B 15 -11.31 18.50 -2.14
N THR B 16 -10.58 18.98 -3.14
CA THR B 16 -10.15 18.14 -4.25
C THR B 16 -8.63 18.20 -4.41
N TYR B 17 -8.03 17.05 -4.69
CA TYR B 17 -6.59 17.02 -4.90
C TYR B 17 -6.33 16.27 -6.20
N ARG B 18 -5.23 16.61 -6.84
CA ARG B 18 -4.86 15.96 -8.09
C ARG B 18 -3.39 15.58 -7.96
N ILE B 19 -3.00 14.49 -8.61
CA ILE B 19 -1.62 14.04 -8.59
C ILE B 19 -1.16 14.27 -10.03
N VAL B 20 -0.56 15.42 -10.28
CA VAL B 20 -0.13 15.80 -11.62
C VAL B 20 0.90 14.88 -12.25
N ASN B 21 1.92 14.52 -11.49
CA ASN B 21 2.97 13.64 -11.97
C ASN B 21 3.40 12.71 -10.86
N TYR B 22 4.25 11.74 -11.22
CA TYR B 22 4.72 10.74 -10.28
C TYR B 22 6.24 10.57 -10.25
N THR B 23 6.72 10.10 -9.09
CA THR B 23 8.11 9.85 -8.82
C THR B 23 8.56 8.53 -9.48
N PRO B 24 9.82 8.43 -9.88
CA PRO B 24 10.24 7.17 -10.50
C PRO B 24 10.50 6.06 -9.47
N ASP B 25 10.41 6.41 -8.19
CA ASP B 25 10.70 5.49 -7.08
C ASP B 25 9.62 4.50 -6.66
N MET B 26 8.36 4.87 -6.87
CA MET B 26 7.24 4.02 -6.45
C MET B 26 6.26 3.84 -7.61
N THR B 27 5.42 2.82 -7.56
CA THR B 27 4.46 2.60 -8.64
C THR B 27 3.38 3.65 -8.50
N HIS B 28 2.59 3.86 -9.56
CA HIS B 28 1.51 4.83 -9.47
C HIS B 28 0.56 4.45 -8.35
N SER B 29 0.26 3.16 -8.24
CA SER B 29 -0.64 2.65 -7.19
C SER B 29 -0.16 2.98 -5.80
N GLU B 30 1.10 2.62 -5.49
CA GLU B 30 1.69 2.92 -4.18
C GLU B 30 1.59 4.40 -3.81
N VAL B 31 1.87 5.28 -4.77
CA VAL B 31 1.79 6.74 -4.54
C VAL B 31 0.37 7.14 -4.20
N GLU B 32 -0.55 6.76 -5.08
CA GLU B 32 -1.98 7.05 -4.88
C GLU B 32 -2.50 6.57 -3.52
N LYS B 33 -2.05 5.39 -3.10
CA LYS B 33 -2.47 4.84 -1.82
C LYS B 33 -1.87 5.65 -0.67
N ALA B 34 -0.59 5.99 -0.80
CA ALA B 34 0.10 6.77 0.22
C ALA B 34 -0.59 8.13 0.42
N PHE B 35 -0.89 8.81 -0.68
CA PHE B 35 -1.57 10.10 -0.59
C PHE B 35 -3.00 9.94 -0.08
N LYS B 36 -3.69 8.91 -0.56
CA LYS B 36 -5.06 8.65 -0.16
C LYS B 36 -5.14 8.41 1.34
N LYS B 37 -4.16 7.68 1.89
CA LYS B 37 -4.11 7.38 3.31
C LYS B 37 -3.67 8.60 4.11
N ALA B 38 -2.83 9.43 3.50
CA ALA B 38 -2.36 10.66 4.14
C ALA B 38 -3.53 11.60 4.38
N PHE B 39 -4.43 11.70 3.40
CA PHE B 39 -5.61 12.57 3.53
C PHE B 39 -6.60 11.98 4.51
N LYS B 40 -6.75 10.67 4.49
CA LYS B 40 -7.68 10.02 5.41
C LYS B 40 -7.39 10.36 6.86
N VAL B 41 -6.10 10.48 7.19
CA VAL B 41 -5.67 10.81 8.55
C VAL B 41 -6.33 12.10 9.08
N TRP B 42 -6.54 13.07 8.20
CA TRP B 42 -7.17 14.34 8.58
C TRP B 42 -8.68 14.25 8.45
N SER B 43 -9.14 13.53 7.44
CA SER B 43 -10.57 13.36 7.20
C SER B 43 -11.24 12.52 8.28
N ASP B 44 -10.50 11.58 8.86
CA ASP B 44 -11.04 10.70 9.90
C ASP B 44 -11.31 11.43 11.23
N VAL B 45 -10.75 12.62 11.41
CA VAL B 45 -10.93 13.36 12.65
C VAL B 45 -11.64 14.71 12.49
N THR B 46 -12.07 15.00 11.26
CA THR B 46 -12.76 16.25 10.97
C THR B 46 -13.81 15.98 9.90
N PRO B 47 -14.67 16.97 9.60
CA PRO B 47 -15.72 16.82 8.57
C PRO B 47 -15.14 16.98 7.14
N LEU B 48 -13.81 17.05 7.06
CA LEU B 48 -13.14 17.20 5.77
C LEU B 48 -13.22 15.95 4.90
N ASN B 49 -13.38 16.16 3.59
CA ASN B 49 -13.43 15.08 2.63
C ASN B 49 -12.62 15.43 1.39
N PHE B 50 -11.79 14.50 0.95
CA PHE B 50 -10.96 14.72 -0.21
C PHE B 50 -11.39 13.83 -1.36
N THR B 51 -11.46 14.43 -2.55
CA THR B 51 -11.87 13.76 -3.77
C THR B 51 -10.74 13.90 -4.79
N ARG B 52 -10.35 12.81 -5.43
CA ARG B 52 -9.28 12.88 -6.41
C ARG B 52 -9.75 13.17 -7.83
N LEU B 53 -9.19 14.21 -8.42
CA LEU B 53 -9.52 14.55 -9.79
C LEU B 53 -8.35 14.06 -10.61
N HIS B 54 -8.59 13.69 -11.87
CA HIS B 54 -7.54 13.20 -12.74
C HIS B 54 -7.13 14.25 -13.76
N ASP B 55 -7.78 15.41 -13.71
CA ASP B 55 -7.43 16.47 -14.64
C ASP B 55 -8.12 17.78 -14.29
N GLY B 56 -7.45 18.88 -14.66
CA GLY B 56 -7.99 20.18 -14.37
C GLY B 56 -7.39 20.72 -13.10
N ILE B 57 -7.92 21.83 -12.62
CA ILE B 57 -7.40 22.43 -11.41
C ILE B 57 -8.12 21.82 -10.22
N ALA B 58 -7.33 21.48 -9.20
CA ALA B 58 -7.86 20.91 -7.98
C ALA B 58 -7.34 21.78 -6.85
N ASP B 59 -8.10 21.87 -5.76
CA ASP B 59 -7.75 22.67 -4.60
C ASP B 59 -6.30 22.39 -4.19
N ILE B 60 -6.00 21.14 -3.90
CA ILE B 60 -4.64 20.78 -3.51
C ILE B 60 -3.97 20.08 -4.70
N MET B 61 -3.02 20.77 -5.34
CA MET B 61 -2.32 20.18 -6.49
C MET B 61 -1.01 19.57 -6.01
N ILE B 62 -0.82 18.28 -6.35
CA ILE B 62 0.36 17.53 -5.94
C ILE B 62 1.28 17.19 -7.11
N SER B 63 2.58 17.43 -6.94
CA SER B 63 3.53 17.12 -7.99
C SER B 63 4.95 16.91 -7.44
N PHE B 64 5.75 16.17 -8.20
CA PHE B 64 7.13 15.86 -7.84
C PHE B 64 8.10 16.64 -8.71
N GLY B 65 9.14 17.21 -8.11
CA GLY B 65 10.09 18.00 -8.86
C GLY B 65 11.43 18.17 -8.20
N ILE B 66 12.39 18.70 -8.96
CA ILE B 66 13.75 18.90 -8.46
C ILE B 66 14.21 20.35 -8.70
N LYS B 67 15.13 20.82 -7.87
CA LYS B 67 15.66 22.19 -7.99
C LYS B 67 14.54 23.22 -8.15
N GLU B 68 14.71 24.17 -9.07
CA GLU B 68 13.66 25.17 -9.30
C GLU B 68 12.59 24.49 -10.13
N HIS B 69 11.35 24.49 -9.63
CA HIS B 69 10.23 23.84 -10.31
C HIS B 69 8.96 24.67 -10.56
N GLY B 70 9.09 26.00 -10.63
CA GLY B 70 7.92 26.81 -10.90
C GLY B 70 7.39 27.75 -9.81
N ASP B 71 7.87 27.64 -8.57
CA ASP B 71 7.38 28.54 -7.53
C ASP B 71 8.48 29.36 -6.83
N PHE B 72 9.67 29.39 -7.43
CA PHE B 72 10.79 30.13 -6.87
C PHE B 72 11.09 29.75 -5.42
N TYR B 73 10.85 28.48 -5.12
CA TYR B 73 11.14 27.90 -3.82
C TYR B 73 11.78 26.57 -4.23
N PRO B 74 12.91 26.65 -4.95
CA PRO B 74 13.68 25.51 -5.46
C PRO B 74 14.10 24.50 -4.43
N PHE B 75 14.24 23.25 -4.87
CA PHE B 75 14.68 22.21 -3.97
C PHE B 75 16.20 22.23 -4.00
N ASP B 76 16.81 21.34 -3.24
CA ASP B 76 18.26 21.32 -3.11
C ASP B 76 18.97 20.00 -3.41
N GLY B 77 18.42 19.20 -4.31
CA GLY B 77 19.06 17.93 -4.62
C GLY B 77 19.04 17.00 -3.42
N PRO B 78 19.94 16.01 -3.36
CA PRO B 78 19.99 15.06 -2.23
C PRO B 78 20.14 15.75 -0.88
N SER B 79 19.41 15.26 0.12
CA SER B 79 19.46 15.79 1.48
C SER B 79 18.85 17.19 1.64
N GLY B 80 18.63 17.58 2.90
CA GLY B 80 18.08 18.89 3.19
C GLY B 80 16.58 18.93 3.04
N LEU B 81 16.09 19.86 2.21
CA LEU B 81 14.65 20.01 1.97
C LEU B 81 14.14 18.74 1.30
N LEU B 82 12.94 18.30 1.67
CA LEU B 82 12.36 17.09 1.11
C LEU B 82 10.98 17.34 0.50
N ALA B 83 10.20 18.17 1.16
CA ALA B 83 8.87 18.49 0.68
C ALA B 83 8.40 19.78 1.30
N HIS B 84 7.36 20.38 0.72
CA HIS B 84 6.81 21.61 1.24
C HIS B 84 5.43 21.89 0.64
N ALA B 85 4.59 22.59 1.40
CA ALA B 85 3.25 22.91 0.95
C ALA B 85 2.84 24.34 1.30
N PHE B 86 1.86 24.86 0.57
CA PHE B 86 1.37 26.21 0.78
C PHE B 86 0.09 26.15 1.61
N PRO B 87 -0.13 27.15 2.49
CA PRO B 87 -1.33 27.18 3.33
C PRO B 87 -2.63 27.32 2.50
N PRO B 88 -3.78 27.10 3.13
CA PRO B 88 -5.09 27.20 2.46
C PRO B 88 -5.31 28.49 1.68
N GLY B 89 -5.76 28.33 0.44
CA GLY B 89 -6.01 29.49 -0.41
C GLY B 89 -6.12 29.15 -1.88
N PRO B 90 -6.24 30.18 -2.74
CA PRO B 90 -6.35 29.96 -4.18
C PRO B 90 -5.01 29.67 -4.85
N ASN B 91 -5.07 29.25 -6.11
CA ASN B 91 -3.90 28.95 -6.91
C ASN B 91 -2.93 28.03 -6.16
N TYR B 92 -1.72 28.52 -5.92
CA TYR B 92 -0.70 27.73 -5.21
C TYR B 92 -1.10 27.31 -3.80
N GLY B 93 -1.95 28.10 -3.16
CA GLY B 93 -2.38 27.78 -1.82
C GLY B 93 -2.88 26.36 -1.70
N GLY B 94 -2.41 25.66 -0.68
CA GLY B 94 -2.83 24.29 -0.48
C GLY B 94 -1.98 23.26 -1.20
N ASP B 95 -1.33 23.69 -2.29
CA ASP B 95 -0.48 22.80 -3.10
C ASP B 95 0.65 22.12 -2.36
N ALA B 96 1.13 21.00 -2.91
CA ALA B 96 2.17 20.22 -2.27
C ALA B 96 3.20 19.69 -3.26
N HIS B 97 4.46 20.05 -3.03
CA HIS B 97 5.55 19.62 -3.89
C HIS B 97 6.52 18.71 -3.15
N PHE B 98 7.00 17.69 -3.86
CA PHE B 98 7.93 16.72 -3.28
C PHE B 98 9.20 16.60 -4.10
N ASP B 99 10.31 16.81 -3.42
CA ASP B 99 11.64 16.78 -4.00
C ASP B 99 11.92 15.36 -4.50
N ASP B 100 12.13 15.21 -5.80
CA ASP B 100 12.38 13.91 -6.39
C ASP B 100 13.85 13.53 -6.38
N ASP B 101 14.68 14.39 -5.80
CA ASP B 101 16.10 14.08 -5.67
C ASP B 101 16.26 13.29 -4.38
N GLU B 102 15.15 13.11 -3.68
CA GLU B 102 15.07 12.35 -2.43
C GLU B 102 14.40 11.02 -2.79
N THR B 103 14.80 9.92 -2.16
CA THR B 103 14.20 8.62 -2.44
C THR B 103 12.96 8.43 -1.58
N TRP B 104 11.82 8.24 -2.24
CA TRP B 104 10.55 8.03 -1.57
C TRP B 104 10.23 6.56 -1.60
N THR B 105 9.63 6.06 -0.52
CA THR B 105 9.30 4.64 -0.42
C THR B 105 7.96 4.40 0.28
N SER B 106 7.48 3.16 0.19
CA SER B 106 6.24 2.77 0.85
C SER B 106 6.68 2.19 2.20
N SER B 107 8.00 2.06 2.37
CA SER B 107 8.57 1.50 3.59
C SER B 107 9.54 2.44 4.30
N SER B 108 10.79 1.98 4.47
CA SER B 108 11.81 2.74 5.17
C SER B 108 13.04 3.20 4.39
N LYS B 109 13.36 2.50 3.29
CA LYS B 109 14.53 2.82 2.47
C LYS B 109 14.39 4.17 1.77
N GLY B 110 14.43 5.24 2.56
CA GLY B 110 14.30 6.59 2.03
C GLY B 110 13.32 7.30 2.93
N TYR B 111 12.55 8.23 2.38
CA TYR B 111 11.56 8.92 3.19
C TYR B 111 10.23 8.24 2.89
N ASN B 112 9.46 8.00 3.94
CA ASN B 112 8.15 7.36 3.79
C ASN B 112 7.23 8.42 3.21
N LEU B 113 6.77 8.19 1.98
CA LEU B 113 5.89 9.14 1.33
C LEU B 113 4.61 9.40 2.10
N PHE B 114 4.02 8.34 2.67
CA PHE B 114 2.78 8.49 3.41
C PHE B 114 2.94 9.41 4.61
N LEU B 115 4.01 9.22 5.38
CA LEU B 115 4.23 10.05 6.56
C LEU B 115 4.60 11.49 6.21
N VAL B 116 5.41 11.67 5.19
CA VAL B 116 5.81 13.02 4.77
C VAL B 116 4.57 13.74 4.22
N ALA B 117 3.79 13.00 3.44
CA ALA B 117 2.57 13.52 2.81
C ALA B 117 1.53 13.93 3.85
N ALA B 118 1.37 13.10 4.87
CA ALA B 118 0.42 13.40 5.93
C ALA B 118 0.79 14.74 6.58
N HIS B 119 2.08 14.92 6.86
CA HIS B 119 2.57 16.14 7.50
C HIS B 119 2.38 17.36 6.59
N GLU B 120 2.71 17.20 5.32
CA GLU B 120 2.57 18.29 4.36
C GLU B 120 1.13 18.69 4.10
N PHE B 121 0.19 17.76 4.22
CA PHE B 121 -1.21 18.09 4.03
C PHE B 121 -1.63 18.81 5.31
N GLY B 122 -0.78 18.69 6.34
CA GLY B 122 -1.04 19.37 7.61
C GLY B 122 -0.86 20.85 7.38
N HIS B 123 -0.01 21.21 6.42
CA HIS B 123 0.20 22.62 6.09
C HIS B 123 -0.87 23.06 5.11
N SER B 124 -1.16 22.19 4.14
CA SER B 124 -2.16 22.48 3.12
C SER B 124 -3.54 22.80 3.71
N LEU B 125 -3.82 22.28 4.91
CA LEU B 125 -5.10 22.50 5.57
C LEU B 125 -5.05 23.66 6.56
N GLY B 126 -3.86 24.14 6.88
CA GLY B 126 -3.74 25.25 7.81
C GLY B 126 -3.04 25.03 9.14
N LEU B 127 -2.16 24.04 9.23
CA LEU B 127 -1.44 23.78 10.48
C LEU B 127 0.05 24.12 10.41
N ASP B 128 0.52 24.86 11.40
CA ASP B 128 1.93 25.23 11.47
C ASP B 128 2.60 24.17 12.33
N HIS B 129 3.92 24.24 12.45
CA HIS B 129 4.69 23.29 13.22
C HIS B 129 4.32 23.24 14.70
N SER B 130 4.38 22.04 15.27
CA SER B 130 4.06 21.85 16.68
C SER B 130 5.36 21.78 17.50
N LYS B 131 5.27 22.16 18.77
CA LYS B 131 6.43 22.10 19.67
C LYS B 131 6.42 20.74 20.35
N ASP B 132 5.32 20.02 20.16
CA ASP B 132 5.15 18.70 20.73
C ASP B 132 5.93 17.69 19.89
N PRO B 133 7.08 17.22 20.42
CA PRO B 133 7.99 16.26 19.79
C PRO B 133 7.38 14.97 19.26
N GLY B 134 6.18 14.66 19.72
CA GLY B 134 5.52 13.45 19.26
C GLY B 134 4.38 13.79 18.32
N ALA B 135 4.36 15.03 17.86
CA ALA B 135 3.32 15.50 16.95
C ALA B 135 3.70 15.22 15.51
N LEU B 136 2.69 14.98 14.69
CA LEU B 136 2.90 14.71 13.28
C LEU B 136 3.42 16.01 12.67
N MET B 137 2.97 17.14 13.21
CA MET B 137 3.38 18.44 12.71
C MET B 137 4.68 18.96 13.32
N PHE B 138 5.34 18.12 14.11
CA PHE B 138 6.62 18.52 14.69
C PHE B 138 7.50 18.65 13.45
N PRO B 139 8.49 19.55 13.48
CA PRO B 139 9.34 19.70 12.29
C PRO B 139 10.37 18.61 11.98
N ILE B 140 10.34 17.51 12.72
CA ILE B 140 11.31 16.44 12.49
C ILE B 140 10.70 15.13 11.99
N TYR B 141 11.14 14.71 10.81
CA TYR B 141 10.68 13.47 10.21
C TYR B 141 11.14 12.28 11.04
N THR B 142 10.27 11.30 11.25
CA THR B 142 10.60 10.12 12.05
C THR B 142 9.96 8.84 11.52
N TYR B 143 10.73 7.76 11.51
CA TYR B 143 10.22 6.48 11.06
C TYR B 143 10.14 5.53 12.26
N THR B 144 8.94 5.18 12.68
CA THR B 144 8.75 4.29 13.83
C THR B 144 8.93 2.82 13.52
N GLY B 145 8.58 2.44 12.30
CA GLY B 145 8.69 1.05 11.91
C GLY B 145 7.42 0.31 12.26
N LYS B 146 6.40 1.04 12.69
CA LYS B 146 5.10 0.46 13.05
C LYS B 146 4.18 0.45 11.83
N SER B 147 3.43 -0.63 11.68
CA SER B 147 2.51 -0.80 10.56
C SER B 147 1.30 0.13 10.64
N HIS B 148 0.87 0.45 11.86
CA HIS B 148 -0.27 1.32 12.09
C HIS B 148 0.13 2.73 12.49
N PHE B 149 -0.66 3.71 12.06
CA PHE B 149 -0.41 5.11 12.39
C PHE B 149 -1.64 5.78 13.00
N MET B 150 -1.49 6.24 14.24
CA MET B 150 -2.57 6.95 14.92
C MET B 150 -2.21 8.43 14.98
N LEU B 151 -3.12 9.29 14.52
CA LEU B 151 -2.87 10.73 14.55
C LEU B 151 -2.82 11.17 16.02
N PRO B 152 -1.66 11.69 16.47
CA PRO B 152 -1.49 12.13 17.85
C PRO B 152 -2.48 13.22 18.29
N ASP B 153 -2.88 13.18 19.55
CA ASP B 153 -3.84 14.16 20.03
C ASP B 153 -3.48 15.59 19.65
N ASP B 154 -2.23 15.98 19.87
CA ASP B 154 -1.85 17.35 19.55
C ASP B 154 -2.38 17.76 18.19
N ASP B 155 -2.10 16.93 17.18
CA ASP B 155 -2.55 17.21 15.83
C ASP B 155 -4.07 17.23 15.78
N VAL B 156 -4.68 16.17 16.30
CA VAL B 156 -6.14 16.07 16.32
C VAL B 156 -6.71 17.41 16.79
N GLN B 157 -6.18 17.91 17.91
CA GLN B 157 -6.63 19.18 18.46
C GLN B 157 -6.44 20.34 17.50
N GLY B 158 -5.26 20.44 16.91
CA GLY B 158 -4.97 21.51 16.00
C GLY B 158 -5.88 21.51 14.78
N ILE B 159 -6.19 20.31 14.28
CA ILE B 159 -7.05 20.22 13.10
C ILE B 159 -8.52 20.53 13.42
N GLN B 160 -8.99 20.13 14.59
CA GLN B 160 -10.38 20.39 14.93
C GLN B 160 -10.58 21.83 15.36
N SER B 161 -9.51 22.47 15.83
CA SER B 161 -9.59 23.86 16.25
C SER B 161 -9.92 24.72 15.03
N LEU B 162 -9.61 24.19 13.85
CA LEU B 162 -9.88 24.87 12.59
C LEU B 162 -11.15 24.39 11.88
N TYR B 163 -11.33 23.07 11.81
CA TYR B 163 -12.46 22.49 11.09
C TYR B 163 -13.52 21.76 11.92
N GLY B 164 -13.28 21.62 13.22
CA GLY B 164 -14.23 20.92 14.05
C GLY B 164 -14.02 19.43 13.93
N PRO B 165 -14.74 18.62 14.74
CA PRO B 165 -14.63 17.17 14.73
C PRO B 165 -15.49 16.53 13.66
N TYR C 1 16.22 20.13 -43.99
CA TYR C 1 16.40 20.20 -42.52
C TYR C 1 17.02 21.54 -42.13
N ASN C 2 17.24 21.72 -40.84
CA ASN C 2 17.81 22.95 -40.31
C ASN C 2 18.43 22.71 -38.94
N VAL C 3 19.64 23.22 -38.73
CA VAL C 3 20.30 23.08 -37.44
C VAL C 3 20.09 24.43 -36.76
N PHE C 4 20.71 24.65 -35.60
CA PHE C 4 20.55 25.93 -34.92
C PHE C 4 21.66 26.91 -35.29
N LEU C 8 24.87 24.65 -32.86
CA LEU C 8 24.85 24.11 -31.50
C LEU C 8 24.83 22.60 -31.53
N LYS C 9 25.76 21.99 -30.79
CA LYS C 9 25.83 20.53 -30.73
C LYS C 9 26.66 20.03 -29.54
N TRP C 10 26.50 18.76 -29.21
CA TRP C 10 27.25 18.16 -28.11
C TRP C 10 28.67 17.88 -28.57
N SER C 11 29.65 18.25 -27.75
CA SER C 11 31.06 18.04 -28.08
C SER C 11 31.55 16.71 -27.50
N LYS C 12 30.63 15.75 -27.39
CA LYS C 12 30.90 14.43 -26.86
C LYS C 12 29.84 13.48 -27.42
N MET C 13 30.22 12.23 -27.67
CA MET C 13 29.28 11.25 -28.23
C MET C 13 28.53 10.44 -27.17
N ASN C 14 29.06 10.34 -25.97
CA ASN C 14 28.38 9.58 -24.92
C ASN C 14 27.51 10.49 -24.05
N LEU C 15 26.21 10.48 -24.30
CA LEU C 15 25.28 11.32 -23.55
C LEU C 15 24.40 10.54 -22.58
N THR C 16 23.98 11.22 -21.51
CA THR C 16 23.16 10.62 -20.49
C THR C 16 21.86 11.40 -20.31
N TYR C 17 20.77 10.67 -20.11
CA TYR C 17 19.49 11.30 -19.88
C TYR C 17 18.93 10.75 -18.58
N ARG C 18 17.89 11.39 -18.07
CA ARG C 18 17.28 10.93 -16.83
C ARG C 18 15.82 11.30 -16.84
N ILE C 19 14.98 10.34 -16.50
CA ILE C 19 13.55 10.55 -16.42
C ILE C 19 13.32 11.04 -14.98
N VAL C 20 13.23 12.35 -14.80
CA VAL C 20 13.04 12.95 -13.48
C VAL C 20 11.76 12.50 -12.81
N ASN C 21 10.67 12.52 -13.57
CA ASN C 21 9.37 12.07 -13.06
C ASN C 21 8.54 11.46 -14.16
N TYR C 22 7.36 10.98 -13.79
CA TYR C 22 6.50 10.30 -14.74
C TYR C 22 5.10 10.84 -14.87
N THR C 23 4.56 10.68 -16.07
CA THR C 23 3.21 11.12 -16.35
C THR C 23 2.24 10.12 -15.72
N PRO C 24 1.06 10.57 -15.30
CA PRO C 24 0.13 9.61 -14.71
C PRO C 24 -0.58 8.78 -15.80
N ASP C 25 -0.45 9.21 -17.04
CA ASP C 25 -1.08 8.57 -18.18
C ASP C 25 -0.57 7.15 -18.51
N MET C 26 0.75 6.94 -18.40
CA MET C 26 1.33 5.65 -18.74
C MET C 26 2.16 5.04 -17.60
N THR C 27 2.42 3.74 -17.67
CA THR C 27 3.21 3.05 -16.66
C THR C 27 4.67 3.46 -16.82
N HIS C 28 5.43 3.38 -15.74
CA HIS C 28 6.85 3.73 -15.78
C HIS C 28 7.51 3.00 -16.94
N SER C 29 7.12 1.74 -17.13
CA SER C 29 7.70 0.91 -18.18
C SER C 29 7.27 1.34 -19.58
N GLU C 30 6.05 1.87 -19.71
CA GLU C 30 5.56 2.35 -21.00
C GLU C 30 6.41 3.55 -21.37
N VAL C 31 6.53 4.45 -20.41
CA VAL C 31 7.31 5.68 -20.52
C VAL C 31 8.77 5.41 -20.92
N GLU C 32 9.45 4.63 -20.08
CA GLU C 32 10.85 4.28 -20.27
C GLU C 32 11.13 3.64 -21.64
N LYS C 33 10.16 2.89 -22.16
CA LYS C 33 10.30 2.23 -23.45
C LYS C 33 10.06 3.21 -24.58
N ALA C 34 9.18 4.17 -24.35
CA ALA C 34 8.90 5.18 -25.37
C ALA C 34 10.12 6.06 -25.59
N PHE C 35 10.79 6.42 -24.49
CA PHE C 35 11.98 7.27 -24.54
C PHE C 35 13.20 6.56 -25.09
N LYS C 36 13.40 5.32 -24.67
CA LYS C 36 14.52 4.52 -25.13
C LYS C 36 14.39 4.36 -26.66
N LYS C 37 13.16 4.28 -27.14
CA LYS C 37 12.87 4.13 -28.55
C LYS C 37 13.05 5.45 -29.29
N ALA C 38 12.86 6.56 -28.59
CA ALA C 38 13.02 7.89 -29.18
C ALA C 38 14.46 8.29 -29.39
N PHE C 39 15.36 7.80 -28.54
CA PHE C 39 16.78 8.12 -28.67
C PHE C 39 17.44 7.22 -29.72
N LYS C 40 17.05 5.94 -29.71
CA LYS C 40 17.58 4.94 -30.63
C LYS C 40 17.35 5.33 -32.09
N VAL C 41 16.35 6.18 -32.31
CA VAL C 41 16.02 6.67 -33.63
C VAL C 41 17.23 7.48 -34.11
N TRP C 42 17.81 8.22 -33.17
CA TRP C 42 18.95 9.09 -33.43
C TRP C 42 20.29 8.41 -33.20
N SER C 43 20.33 7.42 -32.31
CA SER C 43 21.57 6.71 -32.04
C SER C 43 21.85 5.72 -33.16
N ASP C 44 20.78 5.26 -33.81
CA ASP C 44 20.89 4.30 -34.91
C ASP C 44 21.54 4.85 -36.17
N VAL C 45 21.57 6.16 -36.33
CA VAL C 45 22.16 6.76 -37.53
C VAL C 45 23.28 7.75 -37.26
N THR C 46 23.88 7.67 -36.08
CA THR C 46 24.96 8.56 -35.71
C THR C 46 25.89 7.82 -34.75
N PRO C 47 27.04 8.42 -34.40
CA PRO C 47 27.94 7.74 -33.46
C PRO C 47 27.45 7.94 -32.03
N LEU C 48 26.24 8.50 -31.89
CA LEU C 48 25.64 8.78 -30.58
C LEU C 48 25.25 7.57 -29.76
N ASN C 49 25.58 7.61 -28.48
CA ASN C 49 25.27 6.55 -27.54
C ASN C 49 24.60 7.15 -26.29
N PHE C 50 23.43 6.62 -25.93
CA PHE C 50 22.72 7.13 -24.76
C PHE C 50 22.64 6.10 -23.64
N THR C 51 22.78 6.60 -22.41
CA THR C 51 22.71 5.79 -21.21
C THR C 51 21.68 6.45 -20.29
N ARG C 52 20.79 5.66 -19.70
CA ARG C 52 19.79 6.23 -18.82
C ARG C 52 20.23 6.27 -17.37
N LEU C 53 20.27 7.47 -16.81
CA LEU C 53 20.65 7.63 -15.42
C LEU C 53 19.38 7.57 -14.58
N HIS C 54 19.46 6.87 -13.45
CA HIS C 54 18.31 6.73 -12.56
C HIS C 54 18.19 7.93 -11.64
N ASP C 55 19.26 8.71 -11.55
CA ASP C 55 19.28 9.91 -10.74
C ASP C 55 20.61 10.62 -10.92
N GLY C 56 20.70 11.82 -10.35
CA GLY C 56 21.92 12.59 -10.48
C GLY C 56 21.76 13.53 -11.65
N ILE C 57 22.80 14.26 -12.00
CA ILE C 57 22.73 15.18 -13.12
C ILE C 57 23.07 14.41 -14.39
N ALA C 58 22.22 14.55 -15.40
CA ALA C 58 22.41 13.90 -16.69
C ALA C 58 22.43 14.98 -17.75
N ASP C 59 22.93 14.65 -18.93
CA ASP C 59 23.00 15.59 -20.04
C ASP C 59 21.62 16.07 -20.44
N ILE C 60 20.69 15.14 -20.55
CA ILE C 60 19.32 15.40 -20.94
C ILE C 60 18.36 15.00 -19.81
N MET C 61 17.88 16.00 -19.09
CA MET C 61 16.93 15.82 -18.00
C MET C 61 15.51 15.89 -18.54
N ILE C 62 14.78 14.80 -18.41
CA ILE C 62 13.40 14.71 -18.91
C ILE C 62 12.37 14.77 -17.80
N SER C 63 11.41 15.69 -17.89
CA SER C 63 10.39 15.78 -16.88
C SER C 63 8.99 16.11 -17.43
N PHE C 64 7.98 15.90 -16.60
CA PHE C 64 6.60 16.20 -16.96
C PHE C 64 6.18 17.29 -16.00
N GLY C 65 5.61 18.36 -16.54
CA GLY C 65 5.20 19.46 -15.68
C GLY C 65 4.05 20.25 -16.25
N ILE C 66 3.49 21.14 -15.44
CA ILE C 66 2.37 21.97 -15.85
C ILE C 66 2.56 23.46 -15.57
N LYS C 67 1.94 24.30 -16.38
CA LYS C 67 2.02 25.75 -16.21
C LYS C 67 3.46 26.19 -15.90
N GLU C 68 3.65 26.82 -14.74
CA GLU C 68 4.97 27.27 -14.32
C GLU C 68 5.69 26.04 -13.81
N HIS C 69 6.81 25.69 -14.45
CA HIS C 69 7.57 24.50 -14.06
C HIS C 69 9.08 24.71 -13.92
N GLY C 70 9.52 25.95 -13.84
CA GLY C 70 10.94 26.18 -13.67
C GLY C 70 11.74 26.86 -14.78
N ASP C 71 11.07 27.55 -15.70
CA ASP C 71 11.77 28.23 -16.77
C ASP C 71 10.92 29.33 -17.40
N PHE C 72 11.41 29.90 -18.50
CA PHE C 72 10.70 30.97 -19.19
C PHE C 72 9.73 30.44 -20.24
N TYR C 73 9.40 29.15 -20.16
CA TYR C 73 8.50 28.55 -21.14
C TYR C 73 7.38 27.78 -20.46
N PRO C 74 6.55 28.46 -19.66
CA PRO C 74 5.46 27.77 -18.98
C PRO C 74 4.46 27.14 -19.94
N PHE C 75 3.80 26.09 -19.50
CA PHE C 75 2.80 25.44 -20.33
C PHE C 75 1.48 26.17 -20.22
N ASP C 76 0.51 25.73 -21.01
CA ASP C 76 -0.78 26.40 -21.08
C ASP C 76 -1.98 25.52 -20.78
N GLY C 77 -1.79 24.47 -19.97
CA GLY C 77 -2.91 23.60 -19.66
C GLY C 77 -3.27 22.76 -20.86
N PRO C 78 -4.46 22.12 -20.87
CA PRO C 78 -4.89 21.27 -21.99
C PRO C 78 -4.81 21.94 -23.37
N SER C 79 -4.29 21.19 -24.34
CA SER C 79 -4.13 21.65 -25.71
C SER C 79 -3.05 22.72 -25.82
N GLY C 80 -2.94 23.35 -26.98
CA GLY C 80 -1.93 24.36 -27.17
C GLY C 80 -0.55 23.73 -27.18
N LEU C 81 0.33 24.21 -26.30
CA LEU C 81 1.69 23.67 -26.19
C LEU C 81 1.67 22.22 -25.71
N LEU C 82 2.56 21.41 -26.27
CA LEU C 82 2.68 19.98 -25.97
C LEU C 82 3.98 19.65 -25.26
N ALA C 83 5.08 20.23 -25.73
CA ALA C 83 6.41 20.03 -25.16
C ALA C 83 7.45 20.91 -25.82
N HIS C 84 8.64 20.94 -25.24
CA HIS C 84 9.76 21.69 -25.78
C HIS C 84 11.09 21.22 -25.20
N ALA C 85 12.14 21.35 -26.01
CA ALA C 85 13.47 20.91 -25.62
C ALA C 85 14.50 22.02 -25.85
N PHE C 86 15.62 21.93 -25.15
CA PHE C 86 16.69 22.90 -25.26
C PHE C 86 17.84 22.37 -26.09
N PRO C 87 18.45 23.22 -26.93
CA PRO C 87 19.57 22.78 -27.77
C PRO C 87 20.81 22.44 -26.95
N PRO C 88 21.74 21.67 -27.52
CA PRO C 88 22.99 21.27 -26.87
C PRO C 88 23.62 22.35 -26.00
N GLY C 89 24.22 21.93 -24.90
CA GLY C 89 24.84 22.90 -24.00
C GLY C 89 24.76 22.53 -22.53
N PRO C 90 25.33 23.36 -21.65
CA PRO C 90 25.33 23.12 -20.21
C PRO C 90 23.95 23.32 -19.57
N ASN C 91 23.81 22.82 -18.35
CA ASN C 91 22.56 22.90 -17.57
C ASN C 91 21.29 22.54 -18.33
N TYR C 92 20.43 23.53 -18.59
CA TYR C 92 19.16 23.30 -19.28
C TYR C 92 19.30 22.80 -20.71
N GLY C 93 20.44 23.05 -21.34
CA GLY C 93 20.63 22.59 -22.70
C GLY C 93 20.50 21.08 -22.78
N GLY C 94 19.63 20.61 -23.66
CA GLY C 94 19.43 19.17 -23.80
C GLY C 94 18.16 18.68 -23.15
N ASP C 95 17.79 19.29 -22.03
CA ASP C 95 16.58 18.90 -21.30
C ASP C 95 15.34 18.92 -22.19
N ALA C 96 14.40 18.03 -21.88
CA ALA C 96 13.13 17.93 -22.60
C ALA C 96 11.97 18.03 -21.61
N HIS C 97 11.04 18.96 -21.84
CA HIS C 97 9.91 19.15 -20.94
C HIS C 97 8.59 18.83 -21.64
N PHE C 98 7.81 17.93 -21.05
CA PHE C 98 6.52 17.53 -21.63
C PHE C 98 5.33 18.06 -20.82
N ASP C 99 4.31 18.54 -21.53
CA ASP C 99 3.11 19.11 -20.91
C ASP C 99 2.26 17.98 -20.34
N ASP C 100 2.11 17.96 -19.01
CA ASP C 100 1.32 16.93 -18.37
C ASP C 100 -0.14 17.30 -18.22
N ASP C 101 -0.57 18.28 -19.02
CA ASP C 101 -1.97 18.69 -19.05
C ASP C 101 -2.49 18.13 -20.37
N GLU C 102 -1.60 17.48 -21.11
CA GLU C 102 -1.99 16.84 -22.36
C GLU C 102 -2.07 15.36 -22.02
N THR C 103 -2.56 14.55 -22.95
CA THR C 103 -2.68 13.13 -22.70
C THR C 103 -1.60 12.44 -23.54
N TRP C 104 -0.81 11.59 -22.89
CA TRP C 104 0.26 10.89 -23.57
C TRP C 104 -0.13 9.42 -23.63
N THR C 105 0.16 8.78 -24.76
CA THR C 105 -0.19 7.38 -24.97
C THR C 105 0.89 6.66 -25.76
N SER C 106 0.82 5.33 -25.75
CA SER C 106 1.76 4.52 -26.51
C SER C 106 0.99 4.08 -27.76
N SER C 107 -0.07 4.83 -28.05
CA SER C 107 -0.93 4.57 -29.21
C SER C 107 -1.28 5.89 -29.89
N SER C 108 -2.52 6.01 -30.37
CA SER C 108 -2.94 7.24 -31.05
C SER C 108 -4.05 8.01 -30.35
N LYS C 109 -4.43 7.58 -29.15
CA LYS C 109 -5.47 8.26 -28.37
C LYS C 109 -4.85 9.34 -27.48
N GLY C 110 -4.43 10.45 -28.10
CA GLY C 110 -3.79 11.52 -27.39
C GLY C 110 -2.47 11.69 -28.12
N TYR C 111 -1.43 12.22 -27.46
CA TYR C 111 -0.15 12.37 -28.14
C TYR C 111 0.72 11.15 -27.87
N ASN C 112 1.24 10.55 -28.93
CA ASN C 112 2.12 9.39 -28.80
C ASN C 112 3.42 9.95 -28.24
N LEU C 113 3.83 9.46 -27.08
CA LEU C 113 5.05 9.93 -26.41
C LEU C 113 6.26 9.70 -27.30
N PHE C 114 6.41 8.47 -27.77
CA PHE C 114 7.53 8.15 -28.64
C PHE C 114 7.73 9.21 -29.73
N LEU C 115 6.69 9.47 -30.52
CA LEU C 115 6.80 10.45 -31.59
C LEU C 115 7.20 11.83 -31.09
N VAL C 116 6.38 12.39 -30.20
CA VAL C 116 6.68 13.71 -29.66
C VAL C 116 8.10 13.74 -29.07
N ALA C 117 8.46 12.71 -28.32
CA ALA C 117 9.78 12.62 -27.70
C ALA C 117 10.90 12.56 -28.73
N ALA C 118 10.73 11.75 -29.77
CA ALA C 118 11.76 11.62 -30.80
C ALA C 118 11.96 12.98 -31.46
N HIS C 119 10.88 13.75 -31.57
CA HIS C 119 10.93 15.08 -32.18
C HIS C 119 11.71 15.99 -31.27
N GLU C 120 11.25 16.09 -30.02
CA GLU C 120 11.90 16.93 -29.02
C GLU C 120 13.39 16.61 -28.83
N PHE C 121 13.74 15.35 -28.91
CA PHE C 121 15.15 14.98 -28.75
C PHE C 121 15.95 15.55 -29.91
N GLY C 122 15.29 15.71 -31.06
CA GLY C 122 15.96 16.27 -32.21
C GLY C 122 16.50 17.65 -31.84
N HIS C 123 15.76 18.37 -31.02
CA HIS C 123 16.21 19.69 -30.58
C HIS C 123 17.36 19.55 -29.60
N SER C 124 17.24 18.59 -28.68
CA SER C 124 18.28 18.33 -27.69
C SER C 124 19.61 18.01 -28.38
N LEU C 125 19.52 17.44 -29.58
CA LEU C 125 20.71 17.08 -30.32
C LEU C 125 21.24 18.24 -31.17
N GLY C 126 20.39 19.24 -31.42
CA GLY C 126 20.82 20.39 -32.19
C GLY C 126 20.06 20.65 -33.48
N LEU C 127 18.95 19.95 -33.70
CA LEU C 127 18.15 20.14 -34.91
C LEU C 127 16.97 21.08 -34.73
N ASP C 128 16.80 22.01 -35.65
CA ASP C 128 15.68 22.94 -35.61
C ASP C 128 14.62 22.36 -36.55
N HIS C 129 13.62 23.17 -36.90
CA HIS C 129 12.55 22.68 -37.76
C HIS C 129 12.88 22.55 -39.24
N SER C 130 12.37 21.47 -39.81
CA SER C 130 12.56 21.15 -41.22
C SER C 130 11.35 21.67 -41.99
N LYS C 131 11.57 22.04 -43.25
CA LYS C 131 10.49 22.52 -44.09
C LYS C 131 9.90 21.34 -44.84
N ASP C 132 10.50 20.17 -44.62
CA ASP C 132 10.04 18.95 -45.27
C ASP C 132 8.92 18.34 -44.42
N PRO C 133 7.65 18.55 -44.81
CA PRO C 133 6.49 18.03 -44.08
C PRO C 133 6.52 16.53 -43.81
N GLY C 134 7.38 15.80 -44.52
CA GLY C 134 7.47 14.37 -44.31
C GLY C 134 8.47 14.07 -43.21
N ALA C 135 9.30 15.05 -42.90
CA ALA C 135 10.32 14.88 -41.87
C ALA C 135 9.70 14.86 -40.49
N LEU C 136 10.41 14.19 -39.58
CA LEU C 136 10.02 14.06 -38.19
C LEU C 136 10.12 15.44 -37.54
N MET C 137 11.13 16.20 -37.94
CA MET C 137 11.37 17.51 -37.38
C MET C 137 10.47 18.61 -37.91
N PHE C 138 9.37 18.24 -38.57
CA PHE C 138 8.40 19.21 -39.08
C PHE C 138 7.91 19.84 -37.78
N PRO C 139 7.49 21.12 -37.79
CA PRO C 139 7.04 21.68 -36.50
C PRO C 139 5.62 21.33 -36.07
N ILE C 140 4.95 20.50 -36.85
CA ILE C 140 3.57 20.12 -36.55
C ILE C 140 3.35 18.61 -36.39
N TYR C 141 2.71 18.23 -35.27
CA TYR C 141 2.41 16.84 -34.97
C TYR C 141 1.23 16.39 -35.79
N THR C 142 1.34 15.20 -36.38
CA THR C 142 0.26 14.65 -37.19
C THR C 142 0.30 13.14 -37.12
N PRO C 152 12.83 9.83 -41.02
CA PRO C 152 12.89 10.12 -42.47
C PRO C 152 14.24 10.66 -42.93
N ASP C 153 14.54 10.42 -44.21
CA ASP C 153 15.79 10.85 -44.85
C ASP C 153 16.26 12.26 -44.52
N ASP C 154 15.34 13.24 -44.51
CA ASP C 154 15.73 14.62 -44.21
C ASP C 154 16.28 14.77 -42.80
N ASP C 155 15.80 13.93 -41.88
CA ASP C 155 16.28 14.01 -40.51
C ASP C 155 17.60 13.27 -40.38
N VAL C 156 17.84 12.33 -41.29
CA VAL C 156 19.08 11.57 -41.30
C VAL C 156 20.20 12.52 -41.71
N GLN C 157 19.94 13.30 -42.76
CA GLN C 157 20.91 14.26 -43.25
C GLN C 157 21.18 15.27 -42.15
N GLY C 158 20.11 15.93 -41.72
CA GLY C 158 20.21 16.93 -40.67
C GLY C 158 21.00 16.49 -39.46
N ILE C 159 20.70 15.31 -38.93
CA ILE C 159 21.39 14.81 -37.75
C ILE C 159 22.83 14.42 -38.06
N GLN C 160 23.02 13.69 -39.16
CA GLN C 160 24.36 13.28 -39.57
C GLN C 160 25.21 14.48 -39.93
N SER C 161 24.58 15.56 -40.36
CA SER C 161 25.30 16.78 -40.74
C SER C 161 26.04 17.36 -39.55
N LEU C 162 25.58 17.00 -38.35
CA LEU C 162 26.18 17.48 -37.12
C LEU C 162 27.19 16.51 -36.52
N TYR C 163 26.75 15.26 -36.36
CA TYR C 163 27.58 14.22 -35.76
C TYR C 163 28.08 13.16 -36.74
N GLY C 164 27.77 13.34 -38.01
CA GLY C 164 28.21 12.37 -39.01
C GLY C 164 27.53 11.04 -38.81
N PRO C 165 27.76 10.07 -39.72
CA PRO C 165 27.15 8.74 -39.61
C PRO C 165 27.75 7.88 -38.49
N TYR D 1 -35.74 -7.34 26.41
CA TYR D 1 -34.68 -8.38 26.23
C TYR D 1 -35.28 -9.75 26.00
N ASN D 2 -34.50 -10.61 25.35
CA ASN D 2 -34.91 -11.98 25.06
C ASN D 2 -33.68 -12.86 25.23
N VAL D 3 -33.87 -14.04 25.81
CA VAL D 3 -32.80 -15.00 26.01
C VAL D 3 -33.05 -16.12 25.02
N PHE D 4 -32.12 -17.06 24.92
CA PHE D 4 -32.29 -18.18 24.01
C PHE D 4 -33.18 -19.26 24.64
N LEU D 8 -29.92 -21.91 28.05
CA LEU D 8 -28.59 -21.70 27.51
C LEU D 8 -27.80 -20.68 28.33
N LYS D 9 -27.11 -21.14 29.37
CA LYS D 9 -26.30 -20.26 30.20
C LYS D 9 -25.08 -21.02 30.67
N TRP D 10 -23.99 -20.31 30.93
CA TRP D 10 -22.77 -20.94 31.44
C TRP D 10 -23.06 -21.24 32.89
N SER D 11 -22.83 -22.49 33.31
CA SER D 11 -23.10 -22.85 34.69
C SER D 11 -21.84 -22.68 35.55
N LYS D 12 -21.04 -21.68 35.21
CA LYS D 12 -19.84 -21.35 35.95
C LYS D 12 -19.60 -19.86 35.78
N MET D 13 -19.19 -19.20 36.86
CA MET D 13 -18.94 -17.76 36.83
C MET D 13 -17.58 -17.37 36.27
N ASN D 14 -16.58 -18.24 36.40
CA ASN D 14 -15.25 -17.93 35.88
C ASN D 14 -15.15 -18.39 34.42
N LEU D 15 -15.09 -17.45 33.50
CA LEU D 15 -15.00 -17.75 32.08
C LEU D 15 -13.69 -17.26 31.51
N THR D 16 -13.26 -17.89 30.42
CA THR D 16 -12.02 -17.53 29.78
C THR D 16 -12.23 -17.18 28.32
N TYR D 17 -11.40 -16.29 27.79
CA TYR D 17 -11.48 -15.96 26.38
C TYR D 17 -10.08 -15.94 25.80
N ARG D 18 -10.00 -16.13 24.49
CA ARG D 18 -8.71 -16.12 23.83
C ARG D 18 -8.83 -15.50 22.47
N ILE D 19 -7.97 -14.53 22.19
CA ILE D 19 -7.95 -13.88 20.90
C ILE D 19 -7.03 -14.74 20.05
N VAL D 20 -7.63 -15.68 19.33
CA VAL D 20 -6.90 -16.61 18.49
C VAL D 20 -6.02 -15.91 17.45
N ASN D 21 -6.57 -14.91 16.77
CA ASN D 21 -5.81 -14.16 15.80
C ASN D 21 -6.29 -12.70 15.73
N TYR D 22 -5.57 -11.87 14.96
CA TYR D 22 -5.85 -10.43 14.87
C TYR D 22 -6.17 -9.85 13.50
N THR D 23 -7.01 -8.81 13.49
CA THR D 23 -7.40 -8.13 12.28
C THR D 23 -6.26 -7.24 11.80
N PRO D 24 -6.20 -6.97 10.48
CA PRO D 24 -5.13 -6.10 9.97
C PRO D 24 -5.42 -4.62 10.23
N ASP D 25 -6.67 -4.31 10.56
CA ASP D 25 -7.13 -2.94 10.81
C ASP D 25 -6.61 -2.23 12.07
N MET D 26 -6.35 -2.99 13.14
CA MET D 26 -5.90 -2.40 14.40
C MET D 26 -4.69 -3.08 15.02
N THR D 27 -4.01 -2.36 15.92
CA THR D 27 -2.84 -2.89 16.61
C THR D 27 -3.32 -3.97 17.57
N HIS D 28 -2.43 -4.83 18.04
CA HIS D 28 -2.80 -5.90 18.96
C HIS D 28 -3.32 -5.29 20.27
N SER D 29 -2.72 -4.17 20.67
CA SER D 29 -3.16 -3.51 21.90
C SER D 29 -4.56 -2.91 21.78
N GLU D 30 -4.86 -2.26 20.66
CA GLU D 30 -6.20 -1.67 20.49
C GLU D 30 -7.26 -2.76 20.51
N VAL D 31 -6.97 -3.85 19.80
CA VAL D 31 -7.88 -4.99 19.71
C VAL D 31 -8.17 -5.57 21.10
N GLU D 32 -7.12 -5.84 21.85
CA GLU D 32 -7.23 -6.39 23.18
C GLU D 32 -7.91 -5.42 24.15
N LYS D 33 -7.72 -4.13 23.93
CA LYS D 33 -8.33 -3.11 24.78
C LYS D 33 -9.85 -3.08 24.52
N ALA D 34 -10.22 -3.23 23.24
CA ALA D 34 -11.62 -3.25 22.83
C ALA D 34 -12.30 -4.50 23.39
N PHE D 35 -11.65 -5.64 23.21
CA PHE D 35 -12.19 -6.92 23.71
C PHE D 35 -12.34 -6.94 25.23
N LYS D 36 -11.39 -6.33 25.91
CA LYS D 36 -11.39 -6.27 27.37
C LYS D 36 -12.58 -5.44 27.86
N LYS D 37 -12.80 -4.30 27.21
CA LYS D 37 -13.89 -3.39 27.54
C LYS D 37 -15.24 -4.01 27.23
N ALA D 38 -15.26 -4.85 26.20
CA ALA D 38 -16.49 -5.51 25.78
C ALA D 38 -17.00 -6.54 26.80
N PHE D 39 -16.08 -7.28 27.41
CA PHE D 39 -16.47 -8.27 28.42
C PHE D 39 -16.82 -7.57 29.72
N LYS D 40 -16.17 -6.42 29.93
CA LYS D 40 -16.31 -5.57 31.11
C LYS D 40 -17.72 -5.00 31.26
N VAL D 41 -18.35 -4.76 30.12
CA VAL D 41 -19.72 -4.27 30.10
C VAL D 41 -20.62 -5.27 30.84
N TRP D 42 -20.30 -6.55 30.66
CA TRP D 42 -21.04 -7.66 31.23
C TRP D 42 -20.62 -8.10 32.63
N SER D 43 -19.33 -8.10 32.92
CA SER D 43 -18.89 -8.51 34.26
C SER D 43 -19.19 -7.41 35.26
N ASP D 44 -19.39 -6.19 34.77
CA ASP D 44 -19.67 -5.04 35.62
C ASP D 44 -21.05 -5.05 36.27
N VAL D 45 -21.96 -5.88 35.76
CA VAL D 45 -23.32 -5.96 36.29
C VAL D 45 -23.78 -7.39 36.57
N THR D 46 -22.83 -8.29 36.73
CA THR D 46 -23.09 -9.71 37.00
C THR D 46 -21.90 -10.28 37.78
N PRO D 47 -22.01 -11.54 38.22
CA PRO D 47 -20.94 -12.23 38.97
C PRO D 47 -19.85 -12.76 38.01
N LEU D 48 -20.07 -12.60 36.71
CA LEU D 48 -19.13 -13.08 35.71
C LEU D 48 -17.74 -12.42 35.79
N ASN D 49 -16.71 -13.24 35.66
CA ASN D 49 -15.32 -12.78 35.67
C ASN D 49 -14.67 -13.38 34.43
N PHE D 50 -14.12 -12.53 33.55
CA PHE D 50 -13.45 -13.02 32.33
C PHE D 50 -11.93 -12.85 32.43
N THR D 51 -11.21 -13.92 32.09
CA THR D 51 -9.74 -13.92 32.14
C THR D 51 -9.22 -14.28 30.76
N ARG D 52 -8.18 -13.60 30.30
CA ARG D 52 -7.66 -13.92 28.97
C ARG D 52 -6.62 -15.02 29.00
N LEU D 53 -6.64 -15.84 27.96
CA LEU D 53 -5.70 -16.94 27.80
C LEU D 53 -4.90 -16.57 26.56
N HIS D 54 -3.59 -16.80 26.58
CA HIS D 54 -2.76 -16.49 25.42
C HIS D 54 -2.71 -17.69 24.47
N ASP D 55 -2.80 -18.88 25.05
CA ASP D 55 -2.81 -20.13 24.28
C ASP D 55 -3.75 -21.12 24.96
N GLY D 56 -4.01 -22.24 24.30
CA GLY D 56 -4.90 -23.24 24.88
C GLY D 56 -6.37 -23.04 24.58
N ILE D 57 -7.22 -23.80 25.26
CA ILE D 57 -8.66 -23.74 25.07
C ILE D 57 -9.30 -22.78 26.06
N ALA D 58 -10.09 -21.86 25.54
CA ALA D 58 -10.80 -20.89 26.35
C ALA D 58 -12.28 -21.15 26.06
N ASP D 59 -13.14 -20.74 26.98
CA ASP D 59 -14.57 -20.92 26.83
C ASP D 59 -15.08 -20.12 25.64
N ILE D 60 -14.52 -18.93 25.47
CA ILE D 60 -14.88 -18.02 24.38
C ILE D 60 -13.70 -17.83 23.46
N MET D 61 -13.69 -18.54 22.32
CA MET D 61 -12.61 -18.41 21.33
C MET D 61 -12.98 -17.31 20.32
N ILE D 62 -12.16 -16.25 20.33
CA ILE D 62 -12.38 -15.07 19.48
C ILE D 62 -11.46 -15.14 18.27
N SER D 63 -12.04 -15.07 17.08
CA SER D 63 -11.26 -15.16 15.85
C SER D 63 -11.71 -14.18 14.75
N PHE D 64 -10.79 -13.86 13.84
CA PHE D 64 -11.10 -12.98 12.71
C PHE D 64 -11.02 -13.88 11.45
N GLY D 65 -12.12 -14.02 10.72
CA GLY D 65 -12.10 -14.86 9.54
C GLY D 65 -12.91 -14.30 8.39
N ILE D 66 -12.71 -14.87 7.21
CA ILE D 66 -13.41 -14.46 5.99
C ILE D 66 -14.10 -15.63 5.28
N LYS D 67 -15.21 -15.37 4.60
CA LYS D 67 -15.88 -16.42 3.87
C LYS D 67 -15.94 -17.70 4.70
N GLU D 68 -15.50 -18.81 4.12
CA GLU D 68 -15.49 -20.08 4.86
C GLU D 68 -14.37 -20.04 5.88
N HIS D 69 -14.72 -20.22 7.16
CA HIS D 69 -13.74 -20.20 8.24
C HIS D 69 -13.90 -21.32 9.26
N GLY D 70 -14.68 -22.34 8.95
CA GLY D 70 -14.83 -23.44 9.89
C GLY D 70 -16.16 -23.76 10.56
N ASP D 71 -17.28 -23.31 9.97
CA ASP D 71 -18.58 -23.59 10.54
C ASP D 71 -19.64 -23.51 9.45
N PHE D 72 -20.91 -23.46 9.83
CA PHE D 72 -22.00 -23.40 8.88
C PHE D 72 -22.54 -22.00 8.70
N TYR D 73 -21.75 -21.00 9.08
CA TYR D 73 -22.17 -19.61 8.95
C TYR D 73 -21.08 -18.79 8.26
N PRO D 74 -20.71 -19.20 7.04
CA PRO D 74 -19.68 -18.51 6.26
C PRO D 74 -19.93 -17.01 6.10
N PHE D 75 -18.86 -16.23 6.00
CA PHE D 75 -19.02 -14.80 5.82
C PHE D 75 -19.19 -14.49 4.34
N ASP D 76 -19.56 -13.25 4.04
CA ASP D 76 -19.85 -12.86 2.66
C ASP D 76 -19.02 -11.74 2.07
N GLY D 77 -17.86 -11.45 2.65
CA GLY D 77 -17.05 -10.38 2.11
C GLY D 77 -17.53 -9.02 2.57
N PRO D 78 -17.07 -7.93 1.94
CA PRO D 78 -17.46 -6.56 2.29
C PRO D 78 -18.97 -6.35 2.44
N SER D 79 -19.36 -5.66 3.51
CA SER D 79 -20.76 -5.38 3.79
C SER D 79 -21.45 -6.67 4.18
N GLY D 80 -22.77 -6.62 4.30
CA GLY D 80 -23.54 -7.80 4.68
C GLY D 80 -23.29 -8.13 6.15
N LEU D 81 -23.12 -9.42 6.45
CA LEU D 81 -22.85 -9.88 7.80
C LEU D 81 -21.50 -9.30 8.24
N LEU D 82 -21.35 -9.05 9.54
CA LEU D 82 -20.10 -8.53 10.09
C LEU D 82 -19.51 -9.48 11.14
N ALA D 83 -20.38 -10.14 11.89
CA ALA D 83 -19.94 -11.08 12.93
C ALA D 83 -21.10 -11.91 13.48
N HIS D 84 -20.78 -12.86 14.36
CA HIS D 84 -21.78 -13.72 14.97
C HIS D 84 -21.12 -14.53 16.08
N ALA D 85 -21.90 -14.88 17.10
CA ALA D 85 -21.40 -15.64 18.23
C ALA D 85 -22.26 -16.86 18.51
N PHE D 86 -21.75 -17.80 19.30
CA PHE D 86 -22.49 -19.01 19.61
C PHE D 86 -22.94 -18.94 21.07
N PRO D 87 -24.20 -19.34 21.37
CA PRO D 87 -24.66 -19.30 22.75
C PRO D 87 -23.92 -20.27 23.66
N PRO D 88 -24.02 -20.10 24.98
CA PRO D 88 -23.36 -20.97 25.96
C PRO D 88 -23.45 -22.46 25.60
N GLY D 89 -22.34 -23.18 25.80
CA GLY D 89 -22.27 -24.60 25.50
C GLY D 89 -20.84 -25.05 25.28
N PRO D 90 -20.60 -26.37 25.10
CA PRO D 90 -19.25 -26.87 24.87
C PRO D 90 -18.73 -26.55 23.48
N ASN D 91 -17.42 -26.71 23.29
CA ASN D 91 -16.71 -26.44 22.03
C ASN D 91 -17.02 -25.08 21.37
N TYR D 92 -17.71 -25.09 20.23
CA TYR D 92 -18.06 -23.84 19.55
C TYR D 92 -18.86 -22.87 20.44
N GLY D 93 -19.54 -23.40 21.45
CA GLY D 93 -20.34 -22.58 22.35
C GLY D 93 -19.60 -21.45 23.05
N GLY D 94 -20.01 -20.22 22.77
CA GLY D 94 -19.36 -19.07 23.37
C GLY D 94 -18.45 -18.37 22.38
N ASP D 95 -17.95 -19.10 21.40
CA ASP D 95 -17.05 -18.54 20.39
C ASP D 95 -17.71 -17.41 19.58
N ALA D 96 -16.90 -16.43 19.19
CA ALA D 96 -17.35 -15.28 18.42
C ALA D 96 -16.42 -15.07 17.23
N HIS D 97 -17.00 -15.03 16.03
CA HIS D 97 -16.19 -14.83 14.83
C HIS D 97 -16.52 -13.46 14.27
N PHE D 98 -15.50 -12.76 13.78
CA PHE D 98 -15.66 -11.43 13.20
C PHE D 98 -15.19 -11.51 11.75
N ASP D 99 -15.95 -10.87 10.86
CA ASP D 99 -15.65 -10.85 9.42
C ASP D 99 -14.51 -9.87 9.13
N ASP D 100 -13.35 -10.39 8.74
CA ASP D 100 -12.21 -9.54 8.49
C ASP D 100 -12.19 -8.87 7.12
N ASP D 101 -13.35 -8.91 6.43
CA ASP D 101 -13.51 -8.25 5.13
C ASP D 101 -14.17 -6.92 5.45
N GLU D 102 -14.57 -6.77 6.71
CA GLU D 102 -15.18 -5.54 7.19
C GLU D 102 -14.04 -4.71 7.77
N THR D 103 -14.30 -3.44 8.00
CA THR D 103 -13.27 -2.58 8.57
C THR D 103 -13.60 -2.40 10.03
N TRP D 104 -12.64 -2.74 10.87
CA TRP D 104 -12.82 -2.62 12.30
C TRP D 104 -12.02 -1.44 12.80
N THR D 105 -12.64 -0.62 13.65
CA THR D 105 -11.98 0.59 14.15
C THR D 105 -12.21 0.81 15.64
N SER D 106 -11.43 1.72 16.21
CA SER D 106 -11.54 2.08 17.62
C SER D 106 -12.46 3.29 17.73
N SER D 107 -12.85 3.83 16.58
CA SER D 107 -13.74 4.98 16.54
C SER D 107 -14.96 4.62 15.68
N SER D 108 -15.41 5.54 14.84
CA SER D 108 -16.55 5.28 13.97
C SER D 108 -16.14 5.04 12.51
N LYS D 109 -14.81 5.09 12.33
CA LYS D 109 -14.31 4.95 10.97
C LYS D 109 -14.50 3.53 10.48
N GLY D 110 -15.87 3.02 10.41
CA GLY D 110 -16.21 1.67 10.04
C GLY D 110 -16.90 1.09 11.26
N TYR D 111 -16.87 -0.22 11.45
CA TYR D 111 -17.51 -0.81 12.64
C TYR D 111 -16.64 -0.69 13.88
N ASN D 112 -17.22 -0.18 14.96
CA ASN D 112 -16.46 -0.05 16.20
C ASN D 112 -16.41 -1.47 16.79
N LEU D 113 -15.20 -2.03 16.90
CA LEU D 113 -14.99 -3.37 17.44
C LEU D 113 -15.59 -3.55 18.82
N PHE D 114 -15.27 -2.62 19.71
CA PHE D 114 -15.79 -2.65 21.07
C PHE D 114 -17.30 -2.90 21.09
N LEU D 115 -18.05 -2.00 20.47
CA LEU D 115 -19.51 -2.10 20.45
C LEU D 115 -20.07 -3.37 19.81
N VAL D 116 -19.55 -3.75 18.64
CA VAL D 116 -20.03 -4.94 17.96
C VAL D 116 -19.67 -6.16 18.81
N ALA D 117 -18.45 -6.16 19.34
CA ALA D 117 -17.98 -7.26 20.18
C ALA D 117 -18.80 -7.32 21.48
N ALA D 118 -19.16 -6.15 22.01
CA ALA D 118 -19.95 -6.11 23.22
C ALA D 118 -21.26 -6.84 22.91
N HIS D 119 -21.81 -6.55 21.74
CA HIS D 119 -23.04 -7.19 21.28
C HIS D 119 -22.81 -8.69 21.18
N GLU D 120 -21.83 -9.10 20.36
CA GLU D 120 -21.54 -10.52 20.17
C GLU D 120 -21.35 -11.31 21.47
N PHE D 121 -20.59 -10.76 22.41
CA PHE D 121 -20.38 -11.44 23.69
C PHE D 121 -21.72 -11.56 24.42
N GLY D 122 -22.69 -10.75 24.02
CA GLY D 122 -24.00 -10.84 24.63
C GLY D 122 -24.63 -12.16 24.25
N HIS D 123 -24.40 -12.59 23.01
CA HIS D 123 -24.93 -13.87 22.53
C HIS D 123 -24.15 -14.97 23.20
N SER D 124 -22.84 -14.77 23.30
CA SER D 124 -21.96 -15.76 23.93
C SER D 124 -22.37 -16.01 25.37
N LEU D 125 -23.12 -15.09 25.98
CA LEU D 125 -23.56 -15.25 27.36
C LEU D 125 -25.00 -15.75 27.52
N GLY D 126 -25.71 -15.93 26.40
CA GLY D 126 -27.08 -16.42 26.47
C GLY D 126 -28.14 -15.39 26.12
N LEU D 127 -27.74 -14.25 25.56
CA LEU D 127 -28.70 -13.23 25.20
C LEU D 127 -29.00 -13.11 23.71
N ASP D 128 -30.29 -13.19 23.38
CA ASP D 128 -30.76 -13.09 22.01
C ASP D 128 -31.11 -11.61 21.78
N HIS D 129 -31.69 -11.31 20.62
CA HIS D 129 -32.04 -9.93 20.30
C HIS D 129 -33.14 -9.31 21.17
N SER D 130 -32.99 -8.01 21.40
CA SER D 130 -33.94 -7.23 22.19
C SER D 130 -34.81 -6.42 21.24
N LYS D 131 -36.08 -6.23 21.60
CA LYS D 131 -36.98 -5.45 20.75
C LYS D 131 -36.84 -3.96 21.03
N ASP D 132 -36.00 -3.60 22.00
CA ASP D 132 -35.78 -2.20 22.34
C ASP D 132 -34.68 -1.64 21.45
N PRO D 133 -35.00 -0.68 20.59
CA PRO D 133 -33.98 -0.10 19.70
C PRO D 133 -32.81 0.54 20.41
N GLY D 134 -32.96 0.79 21.70
CA GLY D 134 -31.89 1.42 22.46
C GLY D 134 -30.95 0.43 23.13
N ALA D 135 -31.39 -0.81 23.29
CA ALA D 135 -30.57 -1.84 23.92
C ALA D 135 -29.39 -2.22 23.03
N LEU D 136 -28.33 -2.72 23.67
CA LEU D 136 -27.13 -3.13 22.97
C LEU D 136 -27.51 -4.26 22.04
N MET D 137 -28.27 -5.22 22.57
CA MET D 137 -28.71 -6.41 21.84
C MET D 137 -29.77 -6.21 20.77
N PHE D 138 -29.89 -5.00 20.25
CA PHE D 138 -30.85 -4.76 19.18
C PHE D 138 -30.23 -5.48 17.98
N PRO D 139 -31.04 -5.98 17.06
CA PRO D 139 -30.37 -6.67 15.95
C PRO D 139 -29.70 -5.76 14.92
N ILE D 140 -29.80 -4.45 15.10
CA ILE D 140 -29.22 -3.51 14.16
C ILE D 140 -28.19 -2.54 14.75
N TYR D 141 -27.06 -2.43 14.06
CA TYR D 141 -25.97 -1.57 14.47
C TYR D 141 -26.24 -0.12 14.09
N THR D 142 -26.60 0.69 15.06
CA THR D 142 -26.90 2.11 14.85
C THR D 142 -26.67 2.90 16.13
N PHE D 149 -20.16 5.42 26.72
CA PHE D 149 -21.06 4.28 26.58
C PHE D 149 -21.40 3.64 27.93
N MET D 150 -22.69 3.44 28.15
CA MET D 150 -23.19 2.80 29.37
C MET D 150 -24.20 1.75 28.89
N LEU D 151 -24.08 0.52 29.41
CA LEU D 151 -24.99 -0.55 29.02
C LEU D 151 -26.43 -0.23 29.41
N PRO D 152 -27.34 -0.22 28.41
CA PRO D 152 -28.77 0.06 28.59
C PRO D 152 -29.48 -0.86 29.59
N ASP D 153 -30.39 -0.27 30.36
CA ASP D 153 -31.17 -0.98 31.37
C ASP D 153 -31.77 -2.30 30.89
N ASP D 154 -32.12 -2.39 29.60
CA ASP D 154 -32.71 -3.61 29.07
C ASP D 154 -31.68 -4.73 28.96
N ASP D 155 -30.44 -4.36 28.63
CA ASP D 155 -29.36 -5.33 28.51
C ASP D 155 -28.93 -5.75 29.91
N VAL D 156 -29.00 -4.81 30.84
CA VAL D 156 -28.64 -5.12 32.22
C VAL D 156 -29.69 -6.08 32.76
N GLN D 157 -30.92 -5.87 32.32
CA GLN D 157 -32.06 -6.67 32.75
C GLN D 157 -32.00 -8.08 32.20
N GLY D 158 -31.61 -8.19 30.93
CA GLY D 158 -31.53 -9.47 30.28
C GLY D 158 -30.40 -10.35 30.79
N ILE D 159 -29.20 -9.78 30.88
CA ILE D 159 -28.03 -10.50 31.35
C ILE D 159 -28.18 -10.88 32.82
N GLN D 160 -28.84 -10.01 33.58
CA GLN D 160 -29.07 -10.24 35.00
C GLN D 160 -30.17 -11.29 35.21
N SER D 161 -31.01 -11.48 34.20
CA SER D 161 -32.08 -12.46 34.26
C SER D 161 -31.44 -13.84 34.08
N LEU D 162 -30.23 -13.85 33.52
CA LEU D 162 -29.51 -15.09 33.30
C LEU D 162 -28.57 -15.44 34.45
N TYR D 163 -27.77 -14.48 34.89
CA TYR D 163 -26.79 -14.72 35.96
C TYR D 163 -26.99 -13.96 37.25
N GLY D 164 -27.98 -13.07 37.28
CA GLY D 164 -28.24 -12.27 38.48
C GLY D 164 -27.24 -11.13 38.60
N PRO D 165 -27.31 -10.34 39.68
CA PRO D 165 -26.39 -9.21 39.89
C PRO D 165 -25.07 -9.69 40.51
#